data_1IL5
#
_entry.id   1IL5
#
_cell.length_a   42.070
_cell.length_b   65.950
_cell.length_c   50.810
_cell.angle_alpha   93.90
_cell.angle_beta   112.40
_cell.angle_gamma   84.43
#
_symmetry.space_group_name_H-M   'P 1'
#
loop_
_entity.id
_entity.type
_entity.pdbx_description
1 polymer 'RICIN A CHAIN'
2 non-polymer 2,4-DIAMINO-4,6-DIHYDROXYPYRIMIDINE
3 water water
#
_entity_poly.entity_id   1
_entity_poly.type   'polypeptide(L)'
_entity_poly.pdbx_seq_one_letter_code
;IFPKQYPIINFTTAGATVQSYTNFIRAVRGRLTTGADVRHEIPVLPNRVGLPINQRFILVELSNHAELSVTLALDVTNAY
VVGYRAGNSAYFFHPDNQEDAEAITHLFTDVQNRYTFAFGGNYDRLEQLAGNLRENIELGNGPLEEAISALYYYSTGGTQ
LPTLARSFIICIQMISEAARFQYIEGEMRTRIRYNRRSAPDPSVITLENSWGRLSTAIQESNQGAFASPIQLQRRNGSKF
SVYDVSILIPIIALMVYRCAPPPSSQF
;
_entity_poly.pdbx_strand_id   A,B
#
loop_
_chem_comp.id
_chem_comp.type
_chem_comp.name
_chem_comp.formula
DDP non-polymer 2,4-DIAMINO-4,6-DIHYDROXYPYRIMIDINE 'C4 H6 N4 O2'
#
# COMPACT_ATOMS: atom_id res chain seq x y z
N ILE A 1 26.58 -7.78 2.56
CA ILE A 1 25.18 -7.95 3.02
C ILE A 1 24.27 -7.81 1.81
N PHE A 2 23.07 -8.37 1.90
CA PHE A 2 22.11 -8.28 0.81
C PHE A 2 21.56 -6.86 0.85
N PRO A 3 21.24 -6.27 -0.32
CA PRO A 3 20.71 -4.90 -0.41
C PRO A 3 19.78 -4.50 0.72
N LYS A 4 20.16 -3.42 1.41
CA LYS A 4 19.41 -2.86 2.53
C LYS A 4 19.49 -3.70 3.80
N GLN A 5 20.23 -3.17 4.78
CA GLN A 5 20.45 -3.83 6.07
C GLN A 5 19.21 -4.08 6.91
N TYR A 6 19.34 -5.04 7.82
CA TYR A 6 18.27 -5.41 8.74
C TYR A 6 18.80 -5.17 10.16
N PRO A 7 18.17 -4.25 10.91
CA PRO A 7 18.55 -3.91 12.28
C PRO A 7 18.70 -5.13 13.19
N ILE A 8 19.76 -5.15 13.99
CA ILE A 8 20.02 -6.26 14.91
C ILE A 8 20.01 -5.80 16.36
N ILE A 9 19.41 -6.60 17.23
CA ILE A 9 19.31 -6.32 18.66
C ILE A 9 19.91 -7.53 19.38
N ASN A 10 20.95 -7.29 20.16
CA ASN A 10 21.62 -8.38 20.88
C ASN A 10 21.13 -8.57 22.31
N PHE A 11 21.29 -9.79 22.82
CA PHE A 11 20.91 -10.15 24.17
C PHE A 11 21.70 -11.39 24.58
N THR A 12 22.00 -11.51 25.86
CA THR A 12 22.76 -12.65 26.36
C THR A 12 22.27 -13.13 27.72
N THR A 13 22.22 -14.45 27.90
CA THR A 13 21.78 -15.05 29.14
C THR A 13 22.90 -15.17 30.17
N ALA A 14 24.10 -14.73 29.80
CA ALA A 14 25.27 -14.79 30.68
C ALA A 14 25.08 -13.89 31.90
N GLY A 15 25.12 -12.58 31.68
CA GLY A 15 24.93 -11.64 32.77
C GLY A 15 23.52 -11.08 32.71
N ALA A 16 22.54 -11.97 32.59
CA ALA A 16 21.13 -11.58 32.50
C ALA A 16 20.59 -11.02 33.79
N THR A 17 20.19 -9.76 33.73
CA THR A 17 19.62 -9.07 34.88
C THR A 17 18.30 -8.46 34.44
N VAL A 18 17.51 -7.98 35.39
CA VAL A 18 16.21 -7.37 35.08
C VAL A 18 16.41 -6.16 34.17
N GLN A 19 17.50 -5.42 34.41
CA GLN A 19 17.82 -4.23 33.62
C GLN A 19 18.10 -4.59 32.17
N SER A 20 19.04 -5.50 31.95
CA SER A 20 19.40 -5.92 30.59
C SER A 20 18.18 -6.42 29.82
N TYR A 21 17.38 -7.26 30.47
CA TYR A 21 16.18 -7.81 29.85
C TYR A 21 15.19 -6.72 29.48
N THR A 22 14.91 -5.81 30.41
CA THR A 22 13.97 -4.72 30.17
C THR A 22 14.45 -3.86 29.00
N ASN A 23 15.74 -3.56 28.97
CA ASN A 23 16.32 -2.76 27.89
C ASN A 23 16.11 -3.48 26.57
N PHE A 24 16.40 -4.78 26.56
CA PHE A 24 16.24 -5.62 25.38
C PHE A 24 14.82 -5.58 24.85
N ILE A 25 13.84 -5.90 25.69
CA ILE A 25 12.44 -5.89 25.29
C ILE A 25 12.00 -4.53 24.76
N ARG A 26 12.28 -3.48 25.52
CA ARG A 26 11.89 -2.13 25.12
C ARG A 26 12.60 -1.69 23.83
N ALA A 27 13.79 -2.24 23.59
CA ALA A 27 14.55 -1.91 22.39
C ALA A 27 13.80 -2.50 21.19
N VAL A 28 13.37 -3.75 21.33
CA VAL A 28 12.63 -4.43 20.28
C VAL A 28 11.38 -3.63 19.95
N ARG A 29 10.61 -3.28 20.98
CA ARG A 29 9.40 -2.49 20.79
C ARG A 29 9.72 -1.19 20.06
N GLY A 30 10.75 -0.49 20.55
CA GLY A 30 11.16 0.77 19.97
C GLY A 30 11.55 0.70 18.50
N ARG A 31 11.99 -0.46 18.05
CA ARG A 31 12.38 -0.61 16.64
C ARG A 31 11.22 -1.13 15.78
N LEU A 32 10.32 -1.89 16.37
CA LEU A 32 9.17 -2.42 15.64
C LEU A 32 8.26 -1.27 15.22
N THR A 33 8.03 -0.35 16.15
CA THR A 33 7.18 0.81 15.87
C THR A 33 7.94 1.82 15.01
N THR A 34 7.85 1.64 13.70
CA THR A 34 8.52 2.50 12.73
C THR A 34 8.29 4.01 12.93
N GLY A 35 7.23 4.37 13.64
CA GLY A 35 6.95 5.78 13.86
C GLY A 35 5.61 6.10 14.48
N ALA A 36 4.75 6.73 13.69
CA ALA A 36 3.41 7.12 14.15
C ALA A 36 2.34 6.06 13.90
N ASP A 37 1.09 6.48 13.92
CA ASP A 37 -0.08 5.63 13.70
C ASP A 37 -0.38 4.83 14.96
N VAL A 38 -1.25 5.37 15.80
CA VAL A 38 -1.64 4.72 17.05
C VAL A 38 -3.14 4.86 17.25
N HIS A 40 -6.04 5.34 19.92
CA HIS A 40 -6.33 5.77 21.29
C HIS A 40 -5.08 6.08 22.11
N GLU A 41 -4.32 5.03 22.44
CA GLU A 41 -3.11 5.21 23.23
C GLU A 41 -2.15 4.01 23.09
N ILE A 42 -2.44 3.12 22.15
CA ILE A 42 -1.60 1.94 21.94
C ILE A 42 -0.92 1.96 20.57
N PRO A 43 0.42 1.77 20.55
CA PRO A 43 1.22 1.76 19.32
C PRO A 43 0.79 0.64 18.37
N VAL A 44 0.67 0.98 17.09
CA VAL A 44 0.26 0.02 16.07
C VAL A 44 1.46 -0.43 15.24
N LEU A 45 1.39 -1.66 14.75
CA LEU A 45 2.45 -2.25 13.93
C LEU A 45 2.20 -1.91 12.46
N PRO A 46 3.28 -1.77 11.67
CA PRO A 46 3.20 -1.45 10.24
C PRO A 46 2.25 -2.36 9.45
N ASN A 47 1.64 -1.79 8.41
CA ASN A 47 0.71 -2.54 7.57
C ASN A 47 1.46 -3.36 6.52
N ARG A 48 1.28 -4.68 6.58
CA ARG A 48 1.93 -5.60 5.66
C ARG A 48 1.60 -5.31 4.20
N VAL A 49 0.37 -4.93 3.93
CA VAL A 49 -0.11 -4.64 2.57
C VAL A 49 0.87 -3.90 1.68
N GLY A 50 1.56 -2.90 2.23
CA GLY A 50 2.51 -2.14 1.43
C GLY A 50 3.80 -1.81 2.14
N LEU A 51 4.27 -2.75 2.96
CA LEU A 51 5.51 -2.54 3.70
C LEU A 51 6.72 -2.99 2.89
N PRO A 52 7.68 -2.09 2.65
CA PRO A 52 8.90 -2.38 1.89
C PRO A 52 9.74 -3.47 2.54
N ILE A 53 10.32 -4.33 1.69
CA ILE A 53 11.15 -5.44 2.15
C ILE A 53 12.27 -4.97 3.09
N ASN A 54 12.91 -3.86 2.74
CA ASN A 54 14.00 -3.29 3.53
C ASN A 54 13.59 -2.86 4.95
N GLN A 55 12.29 -2.83 5.21
CA GLN A 55 11.78 -2.45 6.53
C GLN A 55 10.78 -3.51 7.01
N ARG A 56 10.98 -4.75 6.59
CA ARG A 56 10.07 -5.84 6.96
C ARG A 56 10.54 -6.72 8.12
N PHE A 57 11.84 -6.78 8.38
CA PHE A 57 12.32 -7.63 9.46
C PHE A 57 13.28 -6.99 10.46
N ILE A 58 13.31 -7.57 11.65
CA ILE A 58 14.18 -7.13 12.75
C ILE A 58 14.92 -8.39 13.19
N LEU A 59 16.25 -8.28 13.31
CA LEU A 59 17.07 -9.42 13.72
C LEU A 59 17.44 -9.30 15.20
N VAL A 60 17.31 -10.42 15.92
CA VAL A 60 17.63 -10.48 17.34
C VAL A 60 18.68 -11.56 17.54
N GLU A 61 19.86 -11.15 17.99
CA GLU A 61 20.95 -12.09 18.21
C GLU A 61 21.02 -12.54 19.67
N LEU A 62 20.62 -13.78 19.91
CA LEU A 62 20.66 -14.35 21.26
C LEU A 62 22.03 -14.97 21.49
N SER A 63 22.66 -14.63 22.60
CA SER A 63 23.97 -15.15 22.95
C SER A 63 23.84 -15.94 24.24
N ASN A 64 24.40 -17.15 24.25
CA ASN A 64 24.33 -18.01 25.42
C ASN A 64 25.58 -17.96 26.29
N HIS A 65 25.44 -18.39 27.54
CA HIS A 65 26.52 -18.42 28.53
C HIS A 65 27.75 -19.17 28.01
N ALA A 66 27.56 -20.01 26.99
CA ALA A 66 28.64 -20.79 26.40
C ALA A 66 28.98 -20.29 25.01
N GLU A 67 28.74 -19.00 24.77
CA GLU A 67 29.00 -18.36 23.49
C GLU A 67 28.37 -19.08 22.30
N LEU A 68 27.06 -19.30 22.38
CA LEU A 68 26.31 -19.96 21.32
C LEU A 68 25.29 -18.94 20.83
N SER A 69 25.55 -18.36 19.66
CA SER A 69 24.67 -17.35 19.10
C SER A 69 23.59 -17.94 18.19
N VAL A 70 22.41 -17.31 18.22
CA VAL A 70 21.27 -17.71 17.41
C VAL A 70 20.61 -16.43 16.92
N THR A 71 20.50 -16.25 15.61
CA THR A 71 19.89 -15.05 15.06
C THR A 71 18.43 -15.30 14.69
N LEU A 72 17.52 -14.74 15.50
CA LEU A 72 16.10 -14.88 15.26
C LEU A 72 15.58 -13.72 14.41
N ALA A 73 14.81 -14.05 13.39
CA ALA A 73 14.24 -13.04 12.51
C ALA A 73 12.79 -12.81 12.89
N LEU A 74 12.45 -11.59 13.26
CA LEU A 74 11.09 -11.25 13.66
C LEU A 74 10.40 -10.40 12.61
N ASP A 75 9.15 -10.71 12.31
CA ASP A 75 8.39 -9.96 11.33
C ASP A 75 7.92 -8.68 12.02
N VAL A 76 8.35 -7.53 11.49
CA VAL A 76 8.01 -6.24 12.07
C VAL A 76 6.50 -5.90 12.11
N THR A 77 5.69 -6.60 11.33
CA THR A 77 4.26 -6.35 11.31
C THR A 77 3.46 -7.13 12.35
N ASN A 78 4.07 -8.15 12.96
CA ASN A 78 3.38 -8.94 13.96
C ASN A 78 4.27 -9.35 15.13
N ALA A 79 5.55 -8.98 15.04
CA ALA A 79 6.54 -9.28 16.08
C ALA A 79 6.79 -10.77 16.31
N TYR A 80 6.23 -11.61 15.44
CA TYR A 80 6.40 -13.05 15.56
C TYR A 80 7.65 -13.57 14.87
N VAL A 81 8.18 -14.68 15.35
CA VAL A 81 9.37 -15.30 14.78
C VAL A 81 9.04 -15.97 13.46
N VAL A 82 9.79 -15.64 12.41
CA VAL A 82 9.57 -16.23 11.10
C VAL A 82 10.59 -17.33 10.81
N GLY A 83 11.76 -17.22 11.42
CA GLY A 83 12.81 -18.20 11.23
C GLY A 83 14.06 -17.80 11.99
N TYR A 84 15.11 -18.61 11.89
CA TYR A 84 16.36 -18.32 12.57
C TYR A 84 17.58 -18.90 11.85
N ARG A 85 18.75 -18.34 12.15
CA ARG A 85 19.99 -18.81 11.55
C ARG A 85 20.88 -19.38 12.65
N ALA A 86 21.48 -20.53 12.38
CA ALA A 86 22.38 -21.17 13.31
C ALA A 86 23.57 -21.72 12.52
N GLY A 87 24.76 -21.24 12.86
CA GLY A 87 25.95 -21.68 12.16
C GLY A 87 25.90 -21.23 10.72
N ASN A 88 25.80 -22.18 9.81
CA ASN A 88 25.74 -21.89 8.38
C ASN A 88 24.44 -22.41 7.76
N SER A 89 23.37 -22.39 8.56
CA SER A 89 22.07 -22.84 8.10
C SER A 89 20.96 -21.92 8.58
N ALA A 90 19.86 -21.89 7.82
CA ALA A 90 18.71 -21.06 8.16
C ALA A 90 17.47 -21.95 8.14
N TYR A 91 16.61 -21.79 9.15
CA TYR A 91 15.39 -22.58 9.26
C TYR A 91 14.21 -21.64 9.42
N PHE A 92 13.25 -21.74 8.51
CA PHE A 92 12.06 -20.89 8.55
C PHE A 92 10.78 -21.69 8.76
N PHE A 93 9.79 -21.06 9.37
CA PHE A 93 8.50 -21.71 9.59
C PHE A 93 7.79 -21.64 8.24
N HIS A 94 7.05 -22.69 7.92
CA HIS A 94 6.32 -22.76 6.64
C HIS A 94 5.52 -21.50 6.35
N PRO A 95 5.85 -20.79 5.26
CA PRO A 95 5.14 -19.56 4.89
C PRO A 95 3.65 -19.84 4.69
N ASP A 96 2.83 -19.31 5.59
CA ASP A 96 1.39 -19.48 5.52
C ASP A 96 0.83 -18.84 4.24
N ASN A 97 1.49 -17.79 3.78
CA ASN A 97 1.06 -17.08 2.59
C ASN A 97 2.21 -16.94 1.58
N GLN A 98 1.88 -17.16 0.32
CA GLN A 98 2.83 -17.11 -0.79
C GLN A 98 3.60 -15.78 -0.86
N GLU A 99 2.95 -14.68 -0.50
CA GLU A 99 3.60 -13.37 -0.52
C GLU A 99 4.70 -13.29 0.55
N ASP A 100 4.47 -13.93 1.69
CA ASP A 100 5.45 -13.93 2.78
C ASP A 100 6.71 -14.65 2.33
N ALA A 101 6.55 -15.63 1.45
CA ALA A 101 7.68 -16.38 0.92
C ALA A 101 8.60 -15.41 0.19
N GLU A 102 7.99 -14.53 -0.60
CA GLU A 102 8.71 -13.51 -1.36
C GLU A 102 9.57 -12.67 -0.42
N ALA A 103 9.08 -12.46 0.80
CA ALA A 103 9.80 -11.67 1.80
C ALA A 103 10.93 -12.48 2.44
N ILE A 104 10.60 -13.70 2.88
CA ILE A 104 11.56 -14.60 3.51
C ILE A 104 12.84 -14.80 2.70
N THR A 105 12.71 -14.82 1.38
CA THR A 105 13.86 -15.00 0.50
C THR A 105 14.93 -13.90 0.59
N HIS A 106 14.66 -12.85 1.37
CA HIS A 106 15.60 -11.74 1.53
C HIS A 106 16.30 -11.79 2.88
N LEU A 107 16.10 -12.87 3.63
CA LEU A 107 16.70 -13.00 4.95
C LEU A 107 18.16 -13.47 4.94
N PHE A 108 18.43 -14.63 5.52
CA PHE A 108 19.79 -15.17 5.60
C PHE A 108 20.25 -15.74 4.26
N THR A 109 20.34 -14.88 3.26
CA THR A 109 20.75 -15.29 1.92
C THR A 109 22.18 -15.82 1.85
N ASP A 110 23.07 -15.21 2.63
CA ASP A 110 24.48 -15.60 2.64
C ASP A 110 24.81 -16.98 3.21
N VAL A 111 23.85 -17.61 3.88
CA VAL A 111 24.11 -18.93 4.46
C VAL A 111 24.21 -20.04 3.42
N GLN A 112 25.01 -21.05 3.72
CA GLN A 112 25.20 -22.18 2.82
C GLN A 112 23.92 -23.01 2.72
N ASN A 113 23.41 -23.45 3.85
CA ASN A 113 22.21 -24.28 3.88
C ASN A 113 20.97 -23.47 4.29
N ARG A 114 19.86 -23.68 3.58
CA ARG A 114 18.62 -23.01 3.87
C ARG A 114 17.50 -24.05 3.84
N TYR A 115 16.73 -24.11 4.91
CA TYR A 115 15.64 -25.08 5.02
C TYR A 115 14.33 -24.37 5.33
N THR A 116 13.24 -25.11 5.19
CA THR A 116 11.91 -24.59 5.46
C THR A 116 11.09 -25.75 6.01
N PHE A 117 10.55 -25.57 7.21
CA PHE A 117 9.75 -26.59 7.86
C PHE A 117 8.40 -26.74 7.19
N ALA A 118 7.83 -27.94 7.29
CA ALA A 118 6.52 -28.22 6.71
C ALA A 118 5.44 -27.56 7.56
N PHE A 119 5.71 -27.49 8.87
CA PHE A 119 4.79 -26.90 9.82
C PHE A 119 4.96 -25.39 9.97
N GLY A 120 3.93 -24.73 10.48
CA GLY A 120 3.96 -23.29 10.66
C GLY A 120 4.50 -22.93 12.05
N GLY A 121 4.38 -21.66 12.42
CA GLY A 121 4.87 -21.22 13.71
C GLY A 121 3.79 -21.12 14.78
N ASN A 122 2.57 -21.50 14.47
CA ASN A 122 1.47 -21.42 15.42
C ASN A 122 1.64 -22.37 16.61
N TYR A 123 1.41 -21.83 17.81
CA TYR A 123 1.51 -22.58 19.06
C TYR A 123 0.88 -23.96 18.97
N ASP A 124 -0.36 -24.01 18.50
CA ASP A 124 -1.09 -25.27 18.36
C ASP A 124 -0.29 -26.35 17.66
N ARG A 125 0.48 -25.95 16.64
CA ARG A 125 1.30 -26.88 15.88
C ARG A 125 2.53 -27.27 16.69
N LEU A 126 3.27 -26.27 17.16
CA LEU A 126 4.49 -26.48 17.93
C LEU A 126 4.23 -27.36 19.16
N GLU A 127 3.09 -27.15 19.81
CA GLU A 127 2.71 -27.91 20.98
C GLU A 127 2.53 -29.38 20.63
N GLN A 128 1.93 -29.65 19.48
CA GLN A 128 1.71 -31.03 19.03
C GLN A 128 3.04 -31.72 18.79
N LEU A 129 3.97 -30.98 18.17
CA LEU A 129 5.30 -31.50 17.86
C LEU A 129 6.10 -31.77 19.13
N ALA A 130 5.96 -30.88 20.10
CA ALA A 130 6.66 -31.00 21.37
C ALA A 130 5.90 -31.88 22.36
N GLY A 131 4.63 -32.14 22.07
CA GLY A 131 3.82 -32.95 22.96
C GLY A 131 3.76 -32.29 24.32
N ASN A 132 3.63 -30.97 24.33
CA ASN A 132 3.58 -30.20 25.56
C ASN A 132 2.80 -28.92 25.39
N LEU A 133 1.91 -28.63 26.33
CA LEU A 133 1.10 -27.42 26.30
C LEU A 133 1.92 -26.27 26.88
N ARG A 134 1.56 -25.04 26.52
CA ARG A 134 2.26 -23.87 27.03
C ARG A 134 2.28 -23.88 28.55
N GLU A 135 1.15 -24.29 29.14
CA GLU A 135 1.01 -24.37 30.59
C GLU A 135 1.66 -25.63 31.14
N ASN A 136 2.91 -25.86 30.75
CA ASN A 136 3.71 -27.00 31.18
C ASN A 136 5.17 -26.67 30.95
N ILE A 137 5.43 -25.96 29.86
CA ILE A 137 6.78 -25.56 29.50
C ILE A 137 7.19 -24.40 30.42
N GLU A 138 8.24 -24.60 31.19
CA GLU A 138 8.73 -23.59 32.12
C GLU A 138 9.47 -22.47 31.40
N LEU A 139 9.17 -21.24 31.81
CA LEU A 139 9.82 -20.07 31.22
C LEU A 139 10.81 -19.49 32.22
N GLY A 140 11.64 -18.56 31.74
CA GLY A 140 12.63 -17.93 32.59
C GLY A 140 13.96 -17.83 31.86
N ASN A 141 14.97 -17.25 32.50
CA ASN A 141 16.29 -17.10 31.89
C ASN A 141 16.92 -18.46 31.59
N GLY A 142 16.79 -19.39 32.53
CA GLY A 142 17.33 -20.73 32.35
C GLY A 142 16.78 -21.39 31.11
N PRO A 143 15.45 -21.54 30.99
CA PRO A 143 14.82 -22.15 29.82
C PRO A 143 15.29 -21.51 28.52
N LEU A 144 15.39 -20.18 28.50
CA LEU A 144 15.83 -19.46 27.31
C LEU A 144 17.27 -19.89 26.98
N GLU A 145 18.10 -19.95 28.01
CA GLU A 145 19.50 -20.36 27.87
C GLU A 145 19.58 -21.76 27.27
N GLU A 146 18.65 -22.62 27.68
CA GLU A 146 18.59 -23.99 27.19
C GLU A 146 18.02 -24.03 25.77
N ALA A 147 17.10 -23.10 25.49
CA ALA A 147 16.47 -23.01 24.18
C ALA A 147 17.50 -22.66 23.11
N ILE A 148 18.34 -21.67 23.42
CA ILE A 148 19.39 -21.23 22.51
C ILE A 148 20.22 -22.42 22.04
N SER A 149 20.67 -23.22 23.00
CA SER A 149 21.47 -24.40 22.73
C SER A 149 20.76 -25.39 21.81
N ALA A 150 19.50 -25.69 22.12
CA ALA A 150 18.72 -26.62 21.33
C ALA A 150 18.60 -26.17 19.87
N LEU A 151 18.33 -24.88 19.68
CA LEU A 151 18.20 -24.31 18.35
C LEU A 151 19.54 -24.36 17.60
N TYR A 152 20.63 -24.14 18.34
CA TYR A 152 21.97 -24.14 17.77
C TYR A 152 22.39 -25.52 17.26
N TYR A 153 22.46 -26.50 18.16
CA TYR A 153 22.87 -27.85 17.79
C TYR A 153 21.91 -28.58 16.86
N TYR A 154 20.80 -27.94 16.53
CA TYR A 154 19.82 -28.52 15.63
C TYR A 154 20.45 -28.63 14.25
N SER A 155 21.26 -27.64 13.90
CA SER A 155 21.94 -27.59 12.60
C SER A 155 23.13 -28.53 12.45
N THR A 156 23.40 -29.35 13.47
CA THR A 156 24.53 -30.27 13.42
C THR A 156 24.17 -31.74 13.65
N GLY A 157 23.09 -31.98 14.37
CA GLY A 157 22.68 -33.34 14.64
C GLY A 157 22.00 -33.54 15.98
N GLY A 158 22.16 -32.58 16.89
CA GLY A 158 21.53 -32.68 18.20
C GLY A 158 20.04 -32.80 17.94
N THR A 159 19.58 -32.01 16.98
CA THR A 159 18.21 -31.98 16.50
C THR A 159 17.08 -32.28 17.51
N GLN A 160 16.58 -33.52 17.48
CA GLN A 160 15.47 -33.96 18.32
C GLN A 160 14.30 -32.98 18.26
N LEU A 161 13.46 -33.21 17.25
CA LEU A 161 12.27 -32.39 16.96
C LEU A 161 11.47 -31.87 18.16
N PRO A 162 11.05 -32.75 19.09
CA PRO A 162 10.28 -32.30 20.25
C PRO A 162 10.99 -31.20 21.04
N THR A 163 12.31 -31.32 21.18
CA THR A 163 13.12 -30.35 21.90
C THR A 163 13.16 -29.04 21.12
N LEU A 164 13.34 -29.16 19.80
CA LEU A 164 13.39 -28.00 18.92
C LEU A 164 12.08 -27.21 19.01
N ALA A 165 10.96 -27.93 18.99
CA ALA A 165 9.64 -27.31 19.08
C ALA A 165 9.45 -26.60 20.42
N ARG A 166 9.78 -27.29 21.50
CA ARG A 166 9.65 -26.72 22.85
C ARG A 166 10.43 -25.41 22.97
N SER A 167 11.67 -25.44 22.49
CA SER A 167 12.55 -24.28 22.53
C SER A 167 11.93 -23.05 21.85
N PHE A 168 11.24 -23.28 20.74
CA PHE A 168 10.58 -22.20 20.01
C PHE A 168 9.49 -21.54 20.85
N ILE A 169 8.69 -22.35 21.52
CA ILE A 169 7.61 -21.84 22.37
C ILE A 169 8.17 -20.93 23.47
N ILE A 170 9.36 -21.28 23.96
CA ILE A 170 10.03 -20.50 25.00
C ILE A 170 10.46 -19.13 24.44
N CYS A 171 11.20 -19.16 23.34
CA CYS A 171 11.68 -17.94 22.70
C CYS A 171 10.57 -16.98 22.28
N ILE A 172 9.54 -17.52 21.64
CA ILE A 172 8.42 -16.72 21.17
C ILE A 172 7.74 -15.98 22.31
N GLN A 173 7.45 -16.69 23.40
CA GLN A 173 6.80 -16.09 24.56
C GLN A 173 7.68 -15.03 25.22
N MET A 174 8.93 -15.38 25.50
CA MET A 174 9.85 -14.47 26.16
C MET A 174 10.30 -13.29 25.31
N ILE A 175 10.10 -13.36 23.99
CA ILE A 175 10.50 -12.27 23.11
C ILE A 175 9.31 -11.59 22.44
N SER A 176 8.62 -12.34 21.59
CA SER A 176 7.47 -11.83 20.85
C SER A 176 6.36 -11.37 21.81
N GLU A 177 5.85 -12.30 22.60
CA GLU A 177 4.78 -12.01 23.54
C GLU A 177 5.18 -10.98 24.59
N ALA A 178 6.39 -11.09 25.10
CA ALA A 178 6.90 -10.16 26.10
C ALA A 178 6.90 -8.73 25.57
N ALA A 179 7.16 -8.59 24.28
CA ALA A 179 7.19 -7.28 23.64
C ALA A 179 5.79 -6.81 23.25
N ARG A 180 4.86 -7.76 23.15
CA ARG A 180 3.49 -7.43 22.78
C ARG A 180 2.68 -6.92 23.97
N PHE A 181 2.94 -7.45 25.16
CA PHE A 181 2.22 -7.04 26.36
C PHE A 181 3.17 -6.69 27.50
N GLN A 182 2.88 -5.60 28.21
CA GLN A 182 3.69 -5.21 29.36
C GLN A 182 3.56 -6.30 30.41
N TYR A 183 2.34 -6.81 30.55
CA TYR A 183 2.01 -7.85 31.50
C TYR A 183 2.96 -9.05 31.37
N ILE A 184 3.10 -9.57 30.16
CA ILE A 184 3.98 -10.72 29.94
C ILE A 184 5.44 -10.35 30.18
N GLU A 185 5.83 -9.14 29.79
CA GLU A 185 7.20 -8.68 30.00
C GLU A 185 7.50 -8.77 31.49
N GLY A 186 6.56 -8.28 32.29
CA GLY A 186 6.72 -8.31 33.74
C GLY A 186 6.81 -9.72 34.26
N GLU A 187 6.00 -10.63 33.72
CA GLU A 187 6.02 -12.02 34.15
C GLU A 187 7.40 -12.64 33.94
N MET A 188 8.04 -12.31 32.83
CA MET A 188 9.38 -12.84 32.56
C MET A 188 10.39 -12.15 33.48
N ARG A 189 10.22 -10.84 33.65
CA ARG A 189 11.09 -10.04 34.51
C ARG A 189 11.10 -10.52 35.96
N THR A 190 9.92 -10.80 36.50
CA THR A 190 9.80 -11.26 37.88
C THR A 190 10.50 -12.61 38.06
N ARG A 191 10.41 -13.47 37.04
CA ARG A 191 11.04 -14.78 37.09
C ARG A 191 12.55 -14.61 37.20
N ILE A 192 13.10 -13.67 36.41
CA ILE A 192 14.53 -13.39 36.43
C ILE A 192 14.89 -12.78 37.79
N ARG A 193 14.02 -11.89 38.26
CA ARG A 193 14.18 -11.21 39.55
C ARG A 193 14.36 -12.20 40.70
N TYR A 194 13.79 -13.40 40.55
CA TYR A 194 13.88 -14.42 41.58
C TYR A 194 14.61 -15.69 41.15
N ASN A 195 15.21 -15.66 39.95
CA ASN A 195 15.95 -16.80 39.40
C ASN A 195 15.12 -18.08 39.42
N ARG A 196 13.85 -17.95 39.05
CA ARG A 196 12.95 -19.10 39.02
C ARG A 196 12.63 -19.61 37.63
N ARG A 197 11.82 -20.67 37.58
CA ARG A 197 11.37 -21.31 36.35
C ARG A 197 9.94 -21.75 36.62
N SER A 198 9.01 -21.26 35.82
CA SER A 198 7.61 -21.62 35.99
C SER A 198 6.80 -21.52 34.71
N ALA A 199 5.82 -22.41 34.58
CA ALA A 199 4.96 -22.44 33.41
C ALA A 199 3.91 -21.34 33.53
N PRO A 200 3.61 -20.65 32.41
CA PRO A 200 2.64 -19.56 32.40
C PRO A 200 1.25 -20.03 32.84
N ASP A 201 0.55 -19.17 33.56
CA ASP A 201 -0.79 -19.47 34.05
C ASP A 201 -1.84 -18.89 33.09
N PRO A 202 -3.12 -19.28 33.25
CA PRO A 202 -4.22 -18.81 32.41
C PRO A 202 -4.21 -17.34 31.99
N SER A 203 -3.87 -16.44 32.90
CA SER A 203 -3.83 -15.01 32.60
C SER A 203 -2.92 -14.70 31.41
N VAL A 204 -1.75 -15.33 31.38
CA VAL A 204 -0.78 -15.13 30.32
C VAL A 204 -1.29 -15.75 29.01
N ILE A 205 -1.63 -17.03 29.06
CA ILE A 205 -2.13 -17.76 27.89
C ILE A 205 -3.30 -17.04 27.22
N THR A 206 -4.32 -16.68 28.00
CA THR A 206 -5.50 -16.00 27.48
C THR A 206 -5.13 -14.74 26.70
N LEU A 207 -4.21 -13.95 27.25
CA LEU A 207 -3.76 -12.73 26.58
C LEU A 207 -3.16 -13.05 25.21
N GLU A 208 -2.27 -14.03 25.20
CA GLU A 208 -1.60 -14.47 23.98
C GLU A 208 -2.62 -14.90 22.93
N ASN A 209 -3.55 -15.76 23.33
CA ASN A 209 -4.60 -16.25 22.44
C ASN A 209 -5.55 -15.16 21.98
N SER A 210 -5.61 -14.07 22.74
CA SER A 210 -6.49 -12.97 22.43
C SER A 210 -5.82 -11.73 21.84
N TRP A 211 -4.51 -11.79 21.59
CA TRP A 211 -3.80 -10.64 21.03
C TRP A 211 -4.48 -10.05 19.80
N GLY A 212 -4.73 -10.91 18.81
CA GLY A 212 -5.38 -10.46 17.59
C GLY A 212 -6.77 -9.91 17.88
N ARG A 213 -7.52 -10.65 18.71
CA ARG A 213 -8.87 -10.26 19.09
C ARG A 213 -8.88 -8.87 19.72
N LEU A 214 -7.93 -8.63 20.63
CA LEU A 214 -7.80 -7.35 21.31
C LEU A 214 -7.47 -6.24 20.32
N SER A 215 -6.41 -6.45 19.54
CA SER A 215 -5.99 -5.47 18.54
C SER A 215 -7.17 -5.01 17.69
N THR A 216 -7.99 -5.97 17.26
CA THR A 216 -9.15 -5.68 16.43
C THR A 216 -10.17 -4.84 17.20
N ALA A 217 -10.63 -5.36 18.34
CA ALA A 217 -11.62 -4.68 19.18
C ALA A 217 -11.22 -3.25 19.55
N ILE A 218 -9.98 -3.08 20.02
CA ILE A 218 -9.47 -1.77 20.41
C ILE A 218 -9.46 -0.81 19.21
N GLN A 219 -8.97 -1.30 18.07
CA GLN A 219 -8.90 -0.50 16.85
C GLN A 219 -10.27 -0.23 16.25
N GLU A 220 -11.28 -1.01 16.64
CA GLU A 220 -12.63 -0.84 16.14
C GLU A 220 -13.58 -0.40 17.25
N SER A 221 -13.02 0.14 18.33
CA SER A 221 -13.83 0.59 19.46
C SER A 221 -14.69 1.76 19.00
N ASN A 222 -16.01 1.63 19.16
CA ASN A 222 -16.93 2.69 18.77
C ASN A 222 -16.63 3.94 19.60
N GLN A 223 -15.71 4.78 19.10
CA GLN A 223 -15.31 6.02 19.76
C GLN A 223 -14.51 5.86 21.04
N GLY A 224 -14.85 4.86 21.82
CA GLY A 224 -14.13 4.65 23.05
C GLY A 224 -14.47 3.29 23.65
N ALA A 225 -15.72 2.88 23.49
CA ALA A 225 -16.18 1.60 24.01
C ALA A 225 -16.05 0.50 22.97
N PHE A 226 -15.94 -0.75 23.43
CA PHE A 226 -15.81 -1.89 22.53
C PHE A 226 -17.16 -2.19 21.89
N ALA A 227 -17.14 -3.03 20.85
CA ALA A 227 -18.37 -3.43 20.17
C ALA A 227 -19.11 -4.34 21.14
N SER A 228 -18.38 -5.33 21.65
CA SER A 228 -18.92 -6.28 22.62
C SER A 228 -17.80 -6.55 23.61
N PRO A 229 -18.15 -6.78 24.88
CA PRO A 229 -17.13 -7.05 25.90
C PRO A 229 -16.34 -8.32 25.63
N ILE A 230 -15.07 -8.31 26.01
CA ILE A 230 -14.18 -9.45 25.81
C ILE A 230 -13.87 -10.05 27.17
N GLN A 231 -13.98 -11.38 27.29
CA GLN A 231 -13.69 -12.05 28.55
C GLN A 231 -12.27 -12.60 28.61
N LEU A 232 -11.52 -12.15 29.62
CA LEU A 232 -10.15 -12.60 29.84
C LEU A 232 -10.14 -13.50 31.06
N GLN A 233 -8.97 -14.03 31.42
CA GLN A 233 -8.85 -14.90 32.58
C GLN A 233 -7.87 -14.37 33.62
N ARG A 234 -8.25 -14.51 34.89
CA ARG A 234 -7.40 -14.07 35.99
C ARG A 234 -6.39 -15.19 36.25
N ARG A 235 -5.48 -14.97 37.20
CA ARG A 235 -4.45 -15.95 37.51
C ARG A 235 -5.03 -17.29 37.94
N ASN A 236 -6.07 -17.26 38.75
CA ASN A 236 -6.72 -18.46 39.26
C ASN A 236 -7.60 -19.16 38.21
N GLY A 237 -7.69 -18.58 37.02
CA GLY A 237 -8.49 -19.16 35.96
C GLY A 237 -9.88 -18.57 35.80
N SER A 238 -10.30 -17.73 36.74
CA SER A 238 -11.63 -17.12 36.66
C SER A 238 -11.68 -16.22 35.44
N LYS A 239 -12.88 -15.80 35.06
CA LYS A 239 -13.04 -14.95 33.88
C LYS A 239 -13.77 -13.65 34.17
N PHE A 240 -13.31 -12.56 33.57
CA PHE A 240 -13.92 -11.25 33.75
C PHE A 240 -14.11 -10.56 32.40
N SER A 241 -15.00 -9.57 32.36
CA SER A 241 -15.30 -8.85 31.14
C SER A 241 -14.60 -7.50 31.03
N VAL A 242 -14.17 -7.16 29.82
CA VAL A 242 -13.51 -5.90 29.53
C VAL A 242 -14.42 -5.11 28.60
N TYR A 243 -14.55 -3.80 28.85
CA TYR A 243 -15.40 -2.94 28.04
C TYR A 243 -14.65 -1.77 27.41
N ASP A 244 -13.61 -1.30 28.07
CA ASP A 244 -12.83 -0.16 27.58
C ASP A 244 -11.38 -0.52 27.31
N VAL A 245 -10.64 0.41 26.70
CA VAL A 245 -9.22 0.20 26.40
C VAL A 245 -8.37 0.66 27.59
N SER A 246 -8.91 1.59 28.37
CA SER A 246 -8.23 2.15 29.53
C SER A 246 -7.57 1.09 30.42
N ILE A 247 -8.38 0.17 30.95
CA ILE A 247 -7.86 -0.87 31.82
C ILE A 247 -6.77 -1.71 31.15
N LEU A 248 -6.78 -1.72 29.82
CA LEU A 248 -5.81 -2.48 29.04
C LEU A 248 -4.52 -1.72 28.72
N ILE A 249 -4.52 -0.41 28.90
CA ILE A 249 -3.36 0.43 28.62
C ILE A 249 -2.05 -0.10 29.22
N PRO A 250 -2.02 -0.34 30.55
CA PRO A 250 -0.77 -0.85 31.13
C PRO A 250 -0.55 -2.35 30.88
N ILE A 251 -1.49 -2.99 30.20
CA ILE A 251 -1.41 -4.42 29.90
C ILE A 251 -0.82 -4.69 28.52
N ILE A 252 -1.43 -4.12 27.49
CA ILE A 252 -1.01 -4.31 26.11
C ILE A 252 -0.01 -3.23 25.68
N ALA A 253 0.94 -3.61 24.84
CA ALA A 253 1.96 -2.68 24.36
C ALA A 253 1.86 -2.41 22.86
N LEU A 254 1.69 -3.47 22.07
CA LEU A 254 1.61 -3.33 20.63
C LEU A 254 0.39 -4.01 20.04
N MET A 255 -0.06 -3.51 18.89
CA MET A 255 -1.21 -4.05 18.19
C MET A 255 -0.89 -4.16 16.71
N VAL A 256 -1.47 -5.14 16.04
CA VAL A 256 -1.25 -5.35 14.61
C VAL A 256 -2.30 -4.55 13.84
N TYR A 257 -1.87 -3.88 12.78
CA TYR A 257 -2.76 -3.06 11.94
C TYR A 257 -4.04 -3.83 11.60
N ARG A 258 -5.18 -3.14 11.62
CA ARG A 258 -6.44 -3.80 11.33
C ARG A 258 -7.35 -3.12 10.31
N CYS A 259 -7.75 -1.89 10.58
CA CYS A 259 -8.66 -1.18 9.67
C CYS A 259 -8.27 0.26 9.36
N ALA A 260 -9.20 0.98 8.74
CA ALA A 260 -9.01 2.38 8.38
C ALA A 260 -8.60 3.22 9.58
N PRO A 261 -7.49 3.96 9.46
CA PRO A 261 -6.98 4.81 10.52
C PRO A 261 -7.95 5.92 10.91
N PRO A 262 -7.86 6.40 12.16
CA PRO A 262 -8.74 7.48 12.64
C PRO A 262 -8.62 8.74 11.79
N PRO A 263 -9.76 9.35 11.42
CA PRO A 263 -9.81 10.56 10.59
C PRO A 263 -8.84 11.63 11.08
N GLN A 266 -2.31 11.97 12.65
CA GLN A 266 -1.22 12.87 13.03
C GLN A 266 -1.20 14.09 12.11
N PHE A 267 -1.99 15.10 12.46
CA PHE A 267 -2.06 16.33 11.67
C PHE A 267 -1.99 17.55 12.58
N ILE B 1 -22.37 7.28 3.72
CA ILE B 1 -21.82 8.33 2.81
C ILE B 1 -22.44 8.12 1.43
N PHE B 2 -21.70 8.45 0.38
CA PHE B 2 -22.21 8.28 -0.99
C PHE B 2 -22.52 6.79 -1.18
N PRO B 3 -23.71 6.46 -1.71
CA PRO B 3 -24.08 5.06 -1.93
C PRO B 3 -23.08 4.37 -2.87
N LYS B 4 -22.07 3.75 -2.28
CA LYS B 4 -21.02 3.05 -3.01
C LYS B 4 -20.10 4.04 -3.72
N GLN B 5 -19.05 4.44 -3.01
CA GLN B 5 -18.07 5.41 -3.50
C GLN B 5 -17.34 4.93 -4.76
N TYR B 6 -16.92 5.89 -5.57
CA TYR B 6 -16.19 5.61 -6.81
C TYR B 6 -14.80 5.10 -6.45
N PRO B 7 -14.23 4.21 -7.28
CA PRO B 7 -12.89 3.66 -7.03
C PRO B 7 -11.80 4.74 -7.06
N ILE B 8 -10.81 4.58 -6.18
CA ILE B 8 -9.70 5.53 -6.11
C ILE B 8 -8.39 4.87 -6.51
N ILE B 9 -7.61 5.58 -7.33
CA ILE B 9 -6.31 5.11 -7.79
C ILE B 9 -5.29 6.11 -7.24
N ASN B 10 -4.28 5.61 -6.53
CA ASN B 10 -3.28 6.48 -5.95
C ASN B 10 -1.96 6.52 -6.72
N PHE B 11 -1.33 7.69 -6.71
CA PHE B 11 -0.04 7.91 -7.38
C PHE B 11 0.71 8.96 -6.57
N THR B 12 2.03 8.87 -6.58
CA THR B 12 2.85 9.83 -5.84
C THR B 12 4.12 10.18 -6.60
N THR B 13 4.49 11.46 -6.54
CA THR B 13 5.68 11.96 -7.22
C THR B 13 6.94 11.75 -6.39
N ALA B 14 6.78 11.26 -5.17
CA ALA B 14 7.90 11.02 -4.25
C ALA B 14 9.05 10.26 -4.91
N GLY B 15 8.94 8.94 -4.95
CA GLY B 15 9.97 8.13 -5.58
C GLY B 15 9.55 7.81 -6.99
N ALA B 16 9.21 8.86 -7.76
CA ALA B 16 8.77 8.71 -9.13
C ALA B 16 9.74 7.94 -10.01
N THR B 17 9.26 6.85 -10.59
CA THR B 17 10.06 6.02 -11.47
C THR B 17 9.19 5.69 -12.67
N VAL B 18 9.80 5.20 -13.76
CA VAL B 18 9.06 4.84 -14.96
C VAL B 18 7.98 3.80 -14.65
N GLN B 19 8.37 2.70 -14.01
CA GLN B 19 7.45 1.63 -13.67
C GLN B 19 6.26 2.07 -12.83
N SER B 20 6.49 2.94 -11.84
CA SER B 20 5.39 3.42 -11.00
C SER B 20 4.37 4.15 -11.85
N TYR B 21 4.86 4.99 -12.76
CA TYR B 21 4.01 5.76 -13.66
C TYR B 21 3.27 4.80 -14.61
N THR B 22 3.99 3.80 -15.11
CA THR B 22 3.42 2.82 -16.02
C THR B 22 2.26 2.10 -15.35
N ASN B 23 2.52 1.47 -14.21
CA ASN B 23 1.48 0.76 -13.45
C ASN B 23 0.31 1.68 -13.14
N PHE B 24 0.62 2.94 -12.85
CA PHE B 24 -0.40 3.94 -12.54
C PHE B 24 -1.36 4.09 -13.72
N ILE B 25 -0.81 4.44 -14.88
CA ILE B 25 -1.62 4.63 -16.09
C ILE B 25 -2.35 3.34 -16.45
N ARG B 26 -1.67 2.21 -16.36
CA ARG B 26 -2.28 0.92 -16.67
C ARG B 26 -3.42 0.61 -15.71
N ALA B 27 -3.31 1.08 -14.48
CA ALA B 27 -4.36 0.87 -13.47
C ALA B 27 -5.56 1.73 -13.86
N VAL B 28 -5.29 2.98 -14.22
CA VAL B 28 -6.33 3.92 -14.64
C VAL B 28 -7.08 3.30 -15.81
N ARG B 29 -6.33 2.79 -16.78
CA ARG B 29 -6.91 2.16 -17.96
C ARG B 29 -7.75 0.97 -17.51
N GLY B 30 -7.19 0.16 -16.61
CA GLY B 30 -7.90 -1.02 -16.12
C GLY B 30 -9.22 -0.71 -15.45
N ARG B 31 -9.36 0.51 -14.96
CA ARG B 31 -10.59 0.92 -14.28
C ARG B 31 -11.56 1.60 -15.25
N LEU B 32 -11.01 2.34 -16.23
CA LEU B 32 -11.82 3.03 -17.22
C LEU B 32 -12.36 2.06 -18.27
N THR B 33 -11.48 1.15 -18.70
CA THR B 33 -11.81 0.16 -19.72
C THR B 33 -13.01 -0.66 -19.27
N THR B 34 -14.03 -0.71 -20.12
CA THR B 34 -15.26 -1.45 -19.85
C THR B 34 -15.03 -2.96 -19.85
N GLY B 35 -13.78 -3.38 -20.07
CA GLY B 35 -13.46 -4.78 -20.11
C GLY B 35 -13.84 -5.31 -21.48
N ALA B 36 -15.14 -5.48 -21.69
CA ALA B 36 -15.65 -5.94 -22.97
C ALA B 36 -15.64 -4.77 -23.95
N ASP B 37 -16.24 -4.96 -25.12
CA ASP B 37 -16.32 -3.93 -26.15
C ASP B 37 -14.93 -3.46 -26.59
N VAL B 38 -14.26 -4.31 -27.36
CA VAL B 38 -12.92 -4.00 -27.87
C VAL B 38 -12.96 -4.19 -29.38
N ARG B 39 -12.67 -3.13 -30.12
CA ARG B 39 -12.68 -3.17 -31.57
C ARG B 39 -11.30 -2.96 -32.14
N HIS B 40 -10.89 -3.85 -33.06
CA HIS B 40 -9.57 -3.77 -33.67
C HIS B 40 -8.48 -3.79 -32.60
N GLU B 41 -8.73 -4.57 -31.55
CA GLU B 41 -7.80 -4.73 -30.42
C GLU B 41 -7.72 -3.49 -29.53
N ILE B 42 -8.47 -2.45 -29.88
CA ILE B 42 -8.48 -1.20 -29.12
C ILE B 42 -9.74 -1.13 -28.26
N PRO B 43 -9.59 -1.10 -26.92
CA PRO B 43 -10.72 -1.02 -25.98
C PRO B 43 -11.49 0.29 -26.10
N VAL B 44 -12.81 0.21 -25.93
CA VAL B 44 -13.67 1.38 -26.02
C VAL B 44 -14.25 1.71 -24.64
N LEU B 45 -14.46 2.99 -24.38
CA LEU B 45 -15.03 3.44 -23.12
C LEU B 45 -16.54 3.16 -23.12
N PRO B 46 -17.16 3.06 -21.93
CA PRO B 46 -18.60 2.79 -21.86
C PRO B 46 -19.48 3.90 -22.44
N ASN B 47 -20.67 3.52 -22.89
CA ASN B 47 -21.63 4.45 -23.46
C ASN B 47 -22.31 5.25 -22.34
N ARG B 48 -22.42 6.57 -22.54
CA ARG B 48 -23.04 7.44 -21.54
C ARG B 48 -24.57 7.46 -21.60
N VAL B 49 -25.12 7.17 -22.77
CA VAL B 49 -26.58 7.17 -22.99
C VAL B 49 -27.40 6.43 -21.91
N GLY B 50 -26.79 5.45 -21.26
CA GLY B 50 -27.50 4.71 -20.23
C GLY B 50 -26.59 4.16 -19.14
N LEU B 51 -25.53 4.90 -18.83
CA LEU B 51 -24.58 4.48 -17.80
C LEU B 51 -25.01 5.00 -16.43
N PRO B 52 -25.17 4.09 -15.45
CA PRO B 52 -25.56 4.46 -14.09
C PRO B 52 -24.57 5.46 -13.48
N ILE B 53 -25.11 6.51 -12.87
CA ILE B 53 -24.29 7.56 -12.26
C ILE B 53 -23.24 7.02 -11.28
N ASN B 54 -23.59 5.96 -10.55
CA ASN B 54 -22.67 5.36 -9.60
C ASN B 54 -21.48 4.63 -10.25
N GLN B 55 -21.29 4.88 -11.54
CA GLN B 55 -20.19 4.28 -12.31
C GLN B 55 -19.66 5.29 -13.32
N ARG B 56 -20.15 6.53 -13.22
CA ARG B 56 -19.75 7.59 -14.14
C ARG B 56 -18.38 8.22 -13.90
N PHE B 57 -17.87 8.14 -12.68
CA PHE B 57 -16.59 8.76 -12.38
C PHE B 57 -15.61 7.84 -11.64
N ILE B 58 -14.34 8.19 -11.71
CA ILE B 58 -13.26 7.44 -11.05
C ILE B 58 -12.34 8.49 -10.43
N LEU B 59 -11.95 8.26 -9.18
CA LEU B 59 -11.08 9.20 -8.48
C LEU B 59 -9.61 8.85 -8.53
N VAL B 60 -8.79 9.85 -8.81
CA VAL B 60 -7.34 9.68 -8.89
C VAL B 60 -6.72 10.59 -7.84
N GLU B 61 -6.01 10.00 -6.87
CA GLU B 61 -5.39 10.77 -5.81
C GLU B 61 -3.90 10.99 -6.05
N LEU B 62 -3.55 12.21 -6.47
CA LEU B 62 -2.17 12.57 -6.72
C LEU B 62 -1.54 13.03 -5.40
N SER B 63 -0.52 12.30 -4.97
CA SER B 63 0.16 12.63 -3.72
C SER B 63 1.55 13.17 -4.00
N ASN B 64 1.84 14.32 -3.40
CA ASN B 64 3.12 14.99 -3.59
C ASN B 64 4.04 14.69 -2.41
N HIS B 65 5.35 14.67 -2.66
CA HIS B 65 6.33 14.44 -1.60
C HIS B 65 6.46 15.75 -0.84
N ALA B 66 5.37 16.16 -0.20
CA ALA B 66 5.33 17.40 0.56
C ALA B 66 4.02 17.49 1.36
N GLU B 67 3.45 16.34 1.68
CA GLU B 67 2.20 16.25 2.43
C GLU B 67 1.00 16.83 1.69
N LEU B 68 1.20 17.25 0.44
CA LEU B 68 0.13 17.80 -0.36
C LEU B 68 -0.51 16.69 -1.18
N SER B 69 -1.81 16.80 -1.41
CA SER B 69 -2.53 15.81 -2.19
C SER B 69 -3.69 16.48 -2.91
N VAL B 70 -4.01 15.98 -4.10
CA VAL B 70 -5.10 16.51 -4.91
C VAL B 70 -5.83 15.34 -5.56
N THR B 71 -7.15 15.32 -5.42
CA THR B 71 -7.96 14.26 -6.00
C THR B 71 -8.67 14.74 -7.26
N LEU B 72 -8.29 14.16 -8.40
CA LEU B 72 -8.89 14.50 -9.69
C LEU B 72 -10.03 13.52 -10.01
N ALA B 73 -11.14 14.06 -10.50
CA ALA B 73 -12.30 13.24 -10.86
C ALA B 73 -12.31 13.04 -12.37
N LEU B 74 -12.15 11.80 -12.80
CA LEU B 74 -12.15 11.46 -14.22
C LEU B 74 -13.50 10.95 -14.68
N ASP B 75 -13.99 11.49 -15.78
CA ASP B 75 -15.26 11.07 -16.37
C ASP B 75 -14.94 9.82 -17.18
N VAL B 76 -15.51 8.70 -16.79
CA VAL B 76 -15.26 7.42 -17.46
C VAL B 76 -15.55 7.44 -18.96
N THR B 77 -16.58 8.17 -19.38
CA THR B 77 -16.96 8.23 -20.79
C THR B 77 -15.90 8.79 -21.74
N ASN B 78 -14.99 9.60 -21.23
CA ASN B 78 -13.94 10.18 -22.07
C ASN B 78 -12.58 10.31 -21.37
N ALA B 79 -12.49 9.83 -20.14
CA ALA B 79 -11.26 9.88 -19.35
C ALA B 79 -10.73 11.30 -19.12
N TYR B 80 -11.61 12.29 -19.23
CA TYR B 80 -11.18 13.68 -19.04
C TYR B 80 -11.41 14.12 -17.60
N VAL B 81 -10.63 15.08 -17.14
CA VAL B 81 -10.75 15.60 -15.78
C VAL B 81 -11.92 16.59 -15.71
N VAL B 82 -12.85 16.35 -14.80
CA VAL B 82 -14.01 17.24 -14.65
C VAL B 82 -13.81 18.24 -13.51
N GLY B 83 -13.04 17.84 -12.51
CA GLY B 83 -12.79 18.72 -11.37
C GLY B 83 -11.83 18.08 -10.39
N TYR B 84 -11.54 18.78 -9.30
CA TYR B 84 -10.63 18.27 -8.28
C TYR B 84 -11.04 18.71 -6.87
N ARG B 85 -10.62 17.92 -5.89
CA ARG B 85 -10.93 18.22 -4.49
C ARG B 85 -9.68 18.67 -3.76
N ALA B 86 -9.60 19.97 -3.47
CA ALA B 86 -8.46 20.53 -2.76
C ALA B 86 -8.72 20.48 -1.26
N GLY B 87 -8.69 19.28 -0.70
CA GLY B 87 -8.92 19.10 0.73
C GLY B 87 -10.27 19.57 1.24
N ASN B 88 -10.35 20.84 1.60
CA ASN B 88 -11.58 21.43 2.13
C ASN B 88 -12.59 21.85 1.07
N SER B 89 -12.12 22.07 -0.15
CA SER B 89 -13.02 22.51 -1.22
C SER B 89 -12.91 21.68 -2.50
N ALA B 90 -13.97 21.72 -3.30
CA ALA B 90 -14.02 21.01 -4.57
C ALA B 90 -14.36 22.00 -5.68
N TYR B 91 -13.63 21.91 -6.79
CA TYR B 91 -13.85 22.80 -7.92
C TYR B 91 -14.15 21.98 -9.17
N PHE B 92 -15.11 22.44 -9.96
CA PHE B 92 -15.50 21.73 -11.17
C PHE B 92 -15.51 22.65 -12.38
N PHE B 93 -15.19 22.10 -13.54
CA PHE B 93 -15.21 22.86 -14.80
C PHE B 93 -16.67 23.06 -15.16
N HIS B 94 -16.96 24.16 -15.84
CA HIS B 94 -18.32 24.46 -16.25
C HIS B 94 -18.85 23.37 -17.18
N PRO B 95 -19.93 22.68 -16.77
CA PRO B 95 -20.53 21.62 -17.58
C PRO B 95 -21.02 22.15 -18.93
N ASP B 96 -20.92 21.31 -19.95
CA ASP B 96 -21.33 21.69 -21.29
C ASP B 96 -22.73 21.19 -21.68
N ASN B 97 -23.36 20.45 -20.79
CA ASN B 97 -24.71 19.93 -21.05
C ASN B 97 -25.42 19.63 -19.74
N GLN B 98 -26.76 19.69 -19.78
CA GLN B 98 -27.60 19.47 -18.62
C GLN B 98 -27.38 18.16 -17.84
N GLU B 99 -27.21 17.06 -18.55
CA GLU B 99 -26.99 15.77 -17.89
C GLU B 99 -25.73 15.73 -17.05
N ASP B 100 -24.62 16.14 -17.63
CA ASP B 100 -23.34 16.16 -16.93
C ASP B 100 -23.38 17.04 -15.70
N ALA B 101 -24.03 18.18 -15.80
CA ALA B 101 -24.15 19.11 -14.67
C ALA B 101 -24.81 18.37 -13.51
N GLU B 102 -25.86 17.62 -13.83
CA GLU B 102 -26.60 16.85 -12.84
C GLU B 102 -25.71 15.75 -12.26
N ALA B 103 -24.94 15.10 -13.14
CA ALA B 103 -24.05 14.02 -12.72
C ALA B 103 -22.96 14.52 -11.77
N ILE B 104 -22.38 15.67 -12.08
CA ILE B 104 -21.32 16.27 -11.28
C ILE B 104 -21.68 16.49 -9.81
N THR B 105 -22.94 16.79 -9.53
CA THR B 105 -23.38 17.02 -8.15
C THR B 105 -23.18 15.81 -7.23
N HIS B 106 -22.81 14.68 -7.82
CA HIS B 106 -22.58 13.47 -7.06
C HIS B 106 -21.12 13.31 -6.68
N LEU B 107 -20.28 14.25 -7.11
CA LEU B 107 -18.86 14.23 -6.80
C LEU B 107 -18.55 14.88 -5.46
N PHE B 108 -17.57 14.33 -4.77
CA PHE B 108 -17.11 14.84 -3.48
C PHE B 108 -18.24 15.36 -2.57
N THR B 109 -19.35 14.64 -2.51
CA THR B 109 -20.48 15.04 -1.67
C THR B 109 -20.16 14.79 -0.20
N ASP B 110 -19.20 15.56 0.31
CA ASP B 110 -18.74 15.49 1.69
C ASP B 110 -17.83 16.68 1.98
N VAL B 111 -17.60 17.50 0.96
CA VAL B 111 -16.77 18.69 1.09
C VAL B 111 -17.57 19.80 1.73
N GLN B 112 -16.87 20.73 2.37
CA GLN B 112 -17.50 21.86 3.04
C GLN B 112 -17.81 22.98 2.04
N ASN B 113 -17.12 22.98 0.91
CA ASN B 113 -17.31 24.02 -0.11
C ASN B 113 -17.29 23.45 -1.52
N ARG B 114 -18.06 24.06 -2.41
CA ARG B 114 -18.15 23.66 -3.81
C ARG B 114 -18.16 24.90 -4.68
N TYR B 115 -17.37 24.89 -5.75
CA TYR B 115 -17.29 26.03 -6.66
C TYR B 115 -17.29 25.52 -8.09
N THR B 116 -18.00 26.23 -8.97
CA THR B 116 -18.08 25.87 -10.37
C THR B 116 -17.47 26.98 -11.21
N PHE B 117 -16.44 26.64 -11.99
CA PHE B 117 -15.78 27.62 -12.85
C PHE B 117 -16.73 28.10 -13.93
N ALA B 118 -16.63 29.38 -14.28
CA ALA B 118 -17.48 29.95 -15.31
C ALA B 118 -17.06 29.42 -16.68
N PHE B 119 -15.80 29.03 -16.79
CA PHE B 119 -15.23 28.51 -18.04
C PHE B 119 -15.21 26.99 -18.12
N GLY B 120 -15.11 26.47 -19.34
CA GLY B 120 -15.08 25.04 -19.55
C GLY B 120 -13.65 24.51 -19.46
N GLY B 121 -13.51 23.19 -19.37
CA GLY B 121 -12.19 22.59 -19.27
C GLY B 121 -11.51 22.23 -20.57
N ASN B 122 -11.83 22.93 -21.65
CA ASN B 122 -11.21 22.63 -22.93
C ASN B 122 -9.90 23.38 -23.08
N TYR B 123 -8.95 22.78 -23.80
CA TYR B 123 -7.64 23.37 -24.03
C TYR B 123 -7.65 24.83 -24.47
N ASP B 124 -8.53 25.16 -25.41
CA ASP B 124 -8.63 26.52 -25.92
C ASP B 124 -8.86 27.52 -24.77
N ARG B 125 -9.74 27.15 -23.84
CA ARG B 125 -10.05 28.02 -22.71
C ARG B 125 -8.90 28.09 -21.71
N LEU B 126 -8.44 26.93 -21.27
CA LEU B 126 -7.33 26.83 -20.32
C LEU B 126 -6.10 27.60 -20.76
N GLU B 127 -5.69 27.42 -22.01
CA GLU B 127 -4.51 28.10 -22.56
C GLU B 127 -4.65 29.61 -22.48
N GLN B 128 -5.82 30.12 -22.88
CA GLN B 128 -6.08 31.55 -22.84
C GLN B 128 -5.88 32.12 -21.44
N LEU B 129 -6.39 31.40 -20.44
CA LEU B 129 -6.27 31.82 -19.06
C LEU B 129 -4.82 31.72 -18.59
N ALA B 130 -4.14 30.66 -18.99
CA ALA B 130 -2.74 30.43 -18.62
C ALA B 130 -1.82 31.42 -19.32
N GLY B 131 -2.29 32.03 -20.40
CA GLY B 131 -1.50 32.98 -21.15
C GLY B 131 -0.38 32.31 -21.92
N ASN B 132 -0.50 31.00 -22.10
CA ASN B 132 0.50 30.22 -22.83
C ASN B 132 -0.17 29.05 -23.54
N LEU B 133 0.57 28.40 -24.43
CA LEU B 133 0.06 27.27 -25.19
C LEU B 133 0.78 26.00 -24.75
N ARG B 134 0.18 24.85 -25.04
CA ARG B 134 0.77 23.56 -24.68
C ARG B 134 2.19 23.43 -25.20
N GLU B 135 2.44 24.00 -26.36
CA GLU B 135 3.76 23.97 -26.99
C GLU B 135 4.78 24.86 -26.28
N ASN B 136 4.41 25.38 -25.11
CA ASN B 136 5.28 26.24 -24.32
C ASN B 136 5.31 25.70 -22.89
N ILE B 137 4.27 24.96 -22.52
CA ILE B 137 4.15 24.39 -21.19
C ILE B 137 4.89 23.06 -21.11
N GLU B 138 5.90 23.00 -20.25
CA GLU B 138 6.70 21.80 -20.08
C GLU B 138 5.96 20.72 -19.30
N LEU B 139 6.31 19.48 -19.57
CA LEU B 139 5.70 18.33 -18.90
C LEU B 139 6.81 17.47 -18.29
N GLY B 140 6.41 16.59 -17.37
CA GLY B 140 7.36 15.72 -16.72
C GLY B 140 7.04 15.63 -15.23
N ASN B 141 7.77 14.81 -14.49
CA ASN B 141 7.54 14.65 -13.06
C ASN B 141 7.69 15.98 -12.34
N GLY B 142 8.66 16.78 -12.76
CA GLY B 142 8.89 18.08 -12.15
C GLY B 142 7.64 18.95 -12.26
N PRO B 143 7.22 19.30 -13.49
CA PRO B 143 6.05 20.14 -13.72
C PRO B 143 4.80 19.59 -13.02
N LEU B 144 4.70 18.26 -12.94
CA LEU B 144 3.58 17.62 -12.29
C LEU B 144 3.56 17.98 -10.81
N GLU B 145 4.71 17.84 -10.15
CA GLU B 145 4.83 18.15 -8.72
C GLU B 145 4.37 19.58 -8.46
N GLU B 146 4.88 20.51 -9.25
CA GLU B 146 4.52 21.92 -9.12
C GLU B 146 3.05 22.16 -9.39
N ALA B 147 2.51 21.47 -10.39
CA ALA B 147 1.10 21.59 -10.77
C ALA B 147 0.21 21.18 -9.61
N ILE B 148 0.53 20.04 -8.98
CA ILE B 148 -0.23 19.52 -7.85
C ILE B 148 -0.26 20.57 -6.73
N SER B 149 0.91 21.11 -6.40
CA SER B 149 1.02 22.10 -5.35
C SER B 149 0.17 23.33 -5.65
N ALA B 150 0.31 23.87 -6.86
CA ALA B 150 -0.45 25.05 -7.27
C ALA B 150 -1.94 24.82 -7.15
N LEU B 151 -2.39 23.63 -7.52
CA LEU B 151 -3.80 23.26 -7.45
C LEU B 151 -4.27 23.21 -6.00
N TYR B 152 -3.46 22.63 -5.13
CA TYR B 152 -3.79 22.51 -3.71
C TYR B 152 -4.00 23.88 -3.05
N TYR B 153 -3.05 24.78 -3.25
CA TYR B 153 -3.13 26.11 -2.65
C TYR B 153 -4.21 27.03 -3.20
N TYR B 154 -5.02 26.53 -4.13
CA TYR B 154 -6.09 27.34 -4.70
C TYR B 154 -7.09 27.72 -3.60
N SER B 155 -7.40 26.77 -2.73
CA SER B 155 -8.35 26.99 -1.63
C SER B 155 -7.81 27.92 -0.54
N THR B 156 -6.49 27.98 -0.39
CA THR B 156 -5.88 28.80 0.63
C THR B 156 -5.64 30.24 0.21
N GLY B 157 -5.53 30.47 -1.09
CA GLY B 157 -5.30 31.82 -1.58
C GLY B 157 -4.25 31.97 -2.65
N GLY B 158 -3.55 30.88 -2.98
CA GLY B 158 -2.53 30.93 -4.01
C GLY B 158 -3.18 31.44 -5.29
N THR B 159 -4.37 30.89 -5.57
CA THR B 159 -5.10 31.32 -6.75
C THR B 159 -4.12 31.49 -7.92
N GLN B 160 -4.29 32.61 -8.63
CA GLN B 160 -3.52 32.91 -9.81
C GLN B 160 -4.07 32.07 -10.96
N LEU B 161 -5.08 32.58 -11.65
CA LEU B 161 -5.78 31.89 -12.79
C LEU B 161 -4.89 31.45 -14.00
N PRO B 162 -3.81 32.17 -14.23
CA PRO B 162 -2.86 31.66 -15.23
C PRO B 162 -2.09 30.44 -14.75
N THR B 163 -1.81 30.38 -13.45
CA THR B 163 -1.08 29.27 -12.85
C THR B 163 -2.01 28.08 -12.64
N LEU B 164 -3.25 28.37 -12.23
CA LEU B 164 -4.26 27.36 -11.99
C LEU B 164 -4.55 26.62 -13.30
N ALA B 165 -4.79 27.39 -14.37
CA ALA B 165 -5.08 26.82 -15.68
C ALA B 165 -3.89 26.02 -16.20
N ARG B 166 -2.69 26.60 -16.13
CA ARG B 166 -1.48 25.93 -16.59
C ARG B 166 -1.31 24.58 -15.89
N SER B 167 -1.60 24.55 -14.60
CA SER B 167 -1.50 23.32 -13.80
C SER B 167 -2.46 22.27 -14.35
N PHE B 168 -3.66 22.69 -14.74
CA PHE B 168 -4.65 21.78 -15.30
C PHE B 168 -4.14 21.18 -16.60
N ILE B 169 -3.56 22.03 -17.44
CA ILE B 169 -2.99 21.61 -18.72
C ILE B 169 -2.02 20.45 -18.50
N ILE B 170 -1.15 20.61 -17.51
CA ILE B 170 -0.16 19.59 -17.17
C ILE B 170 -0.81 18.29 -16.71
N CYS B 171 -1.66 18.39 -15.69
CA CYS B 171 -2.35 17.22 -15.14
C CYS B 171 -3.17 16.44 -16.16
N ILE B 172 -3.87 17.16 -17.03
CA ILE B 172 -4.70 16.54 -18.07
C ILE B 172 -3.84 15.70 -19.02
N GLN B 173 -2.81 16.32 -19.59
CA GLN B 173 -1.94 15.63 -20.53
C GLN B 173 -1.24 14.43 -19.90
N MET B 174 -0.63 14.63 -18.75
CA MET B 174 0.09 13.56 -18.06
C MET B 174 -0.77 12.43 -17.52
N ILE B 175 -2.08 12.64 -17.44
CA ILE B 175 -2.98 11.60 -16.94
C ILE B 175 -3.98 11.14 -18.01
N SER B 176 -4.94 12.01 -18.32
CA SER B 176 -5.96 11.70 -19.31
C SER B 176 -5.36 11.29 -20.66
N GLU B 177 -4.63 12.22 -21.28
CA GLU B 177 -4.02 11.95 -22.58
C GLU B 177 -3.04 10.78 -22.54
N ALA B 178 -2.38 10.59 -21.41
CA ALA B 178 -1.43 9.50 -21.25
C ALA B 178 -2.15 8.15 -21.22
N ALA B 179 -3.39 8.15 -20.71
CA ALA B 179 -4.19 6.93 -20.64
C ALA B 179 -4.84 6.67 -22.00
N ARG B 180 -5.11 7.74 -22.73
CA ARG B 180 -5.74 7.65 -24.04
C ARG B 180 -4.77 7.13 -25.09
N PHE B 181 -3.57 7.70 -25.14
CA PHE B 181 -2.57 7.31 -26.11
C PHE B 181 -1.33 6.67 -25.50
N GLN B 182 -1.01 5.46 -25.98
CA GLN B 182 0.17 4.74 -25.50
C GLN B 182 1.41 5.53 -25.89
N TYR B 183 1.32 6.24 -27.00
CA TYR B 183 2.42 7.06 -27.50
C TYR B 183 2.76 8.15 -26.48
N ILE B 184 1.75 8.85 -26.00
CA ILE B 184 1.95 9.90 -25.01
C ILE B 184 2.47 9.30 -23.71
N GLU B 185 1.96 8.13 -23.35
CA GLU B 185 2.41 7.44 -22.14
C GLU B 185 3.92 7.23 -22.27
N GLY B 186 4.35 6.83 -23.46
CA GLY B 186 5.77 6.62 -23.71
C GLY B 186 6.54 7.92 -23.57
N GLU B 187 5.98 9.00 -24.11
CA GLU B 187 6.60 10.32 -24.03
C GLU B 187 6.90 10.71 -22.59
N MET B 188 5.92 10.50 -21.71
CA MET B 188 6.09 10.81 -20.29
C MET B 188 7.12 9.89 -19.66
N ARG B 189 7.05 8.60 -20.01
CA ARG B 189 7.98 7.60 -19.48
C ARG B 189 9.43 8.00 -19.77
N THR B 190 9.67 8.51 -20.98
CA THR B 190 11.00 8.94 -21.39
C THR B 190 11.48 10.11 -20.54
N ARG B 191 10.61 11.10 -20.34
CA ARG B 191 10.95 12.28 -19.55
C ARG B 191 11.33 11.91 -18.13
N ILE B 192 10.52 11.08 -17.48
CA ILE B 192 10.78 10.65 -16.11
C ILE B 192 12.12 9.91 -16.04
N ARG B 193 12.34 9.00 -16.99
CA ARG B 193 13.57 8.21 -17.05
C ARG B 193 14.84 9.06 -17.07
N TYR B 194 14.81 10.17 -17.80
CA TYR B 194 15.97 11.04 -17.88
C TYR B 194 15.86 12.33 -17.08
N ASN B 195 14.85 12.40 -16.21
CA ASN B 195 14.61 13.56 -15.36
C ASN B 195 14.60 14.86 -16.17
N ARG B 196 13.91 14.82 -17.30
CA ARG B 196 13.82 15.97 -18.19
C ARG B 196 12.41 16.53 -18.25
N ARG B 197 12.31 17.85 -18.28
CA ARG B 197 11.03 18.54 -18.35
C ARG B 197 11.00 19.36 -19.63
N SER B 198 10.20 18.93 -20.61
CA SER B 198 10.10 19.62 -21.88
C SER B 198 8.65 19.70 -22.37
N ALA B 199 8.40 20.66 -23.26
CA ALA B 199 7.07 20.87 -23.82
C ALA B 199 6.77 19.79 -24.87
N PRO B 200 5.49 19.43 -25.04
CA PRO B 200 5.09 18.42 -26.01
C PRO B 200 5.27 18.88 -27.47
N ASP B 201 5.95 18.05 -28.25
CA ASP B 201 6.19 18.34 -29.67
C ASP B 201 4.92 18.01 -30.47
N PRO B 202 4.81 18.57 -31.69
CA PRO B 202 3.65 18.36 -32.58
C PRO B 202 3.03 16.96 -32.61
N SER B 203 3.86 15.92 -32.68
CA SER B 203 3.35 14.54 -32.72
C SER B 203 2.40 14.20 -31.56
N VAL B 204 2.56 14.91 -30.44
CA VAL B 204 1.73 14.68 -29.26
C VAL B 204 0.45 15.49 -29.32
N ILE B 205 0.59 16.81 -29.54
CA ILE B 205 -0.55 17.72 -29.60
C ILE B 205 -1.56 17.32 -30.68
N THR B 206 -1.08 16.99 -31.87
CA THR B 206 -1.96 16.60 -32.97
C THR B 206 -2.86 15.43 -32.55
N LEU B 207 -2.26 14.42 -31.91
CA LEU B 207 -3.01 13.25 -31.45
C LEU B 207 -4.09 13.67 -30.47
N GLU B 208 -3.71 14.47 -29.49
CA GLU B 208 -4.62 14.96 -28.46
C GLU B 208 -5.84 15.63 -29.08
N ASN B 209 -5.60 16.55 -30.00
CA ASN B 209 -6.67 17.28 -30.68
C ASN B 209 -7.52 16.37 -31.56
N SER B 210 -6.90 15.34 -32.11
CA SER B 210 -7.59 14.42 -33.01
C SER B 210 -8.15 13.14 -32.37
N TRP B 211 -8.09 13.03 -31.04
CA TRP B 211 -8.60 11.84 -30.36
C TRP B 211 -10.02 11.47 -30.80
N GLY B 212 -10.94 12.42 -30.70
CA GLY B 212 -12.31 12.19 -31.09
C GLY B 212 -12.43 11.76 -32.55
N ARG B 213 -11.70 12.45 -33.42
CA ARG B 213 -11.72 12.17 -34.85
C ARG B 213 -11.27 10.74 -35.13
N LEU B 214 -10.15 10.35 -34.53
CA LEU B 214 -9.61 9.01 -34.71
C LEU B 214 -10.62 7.97 -34.26
N SER B 215 -11.24 8.22 -33.11
CA SER B 215 -12.25 7.32 -32.56
C SER B 215 -13.37 7.09 -33.57
N THR B 216 -13.86 8.17 -34.17
CA THR B 216 -14.92 8.08 -35.17
C THR B 216 -14.45 7.26 -36.37
N ALA B 217 -13.38 7.71 -37.01
CA ALA B 217 -12.83 7.05 -38.20
C ALA B 217 -12.62 5.55 -38.02
N ILE B 218 -12.10 5.15 -36.86
CA ILE B 218 -11.86 3.74 -36.56
C ILE B 218 -13.16 2.95 -36.42
N GLN B 219 -14.18 3.58 -35.84
CA GLN B 219 -15.46 2.93 -35.64
C GLN B 219 -16.33 2.86 -36.90
N GLU B 220 -16.14 3.81 -37.80
CA GLU B 220 -16.90 3.82 -39.05
C GLU B 220 -16.00 3.45 -40.23
N SER B 221 -14.95 2.70 -39.94
CA SER B 221 -14.01 2.27 -40.97
C SER B 221 -14.54 1.08 -41.77
N ASN B 222 -14.60 1.25 -43.09
CA ASN B 222 -15.07 0.19 -43.97
C ASN B 222 -14.08 -0.97 -43.87
N GLN B 223 -14.41 -1.94 -43.03
CA GLN B 223 -13.64 -3.17 -42.81
C GLN B 223 -12.22 -2.82 -42.37
N GLY B 224 -12.03 -1.80 -41.55
CA GLY B 224 -10.71 -1.44 -41.06
C GLY B 224 -10.08 -0.26 -41.78
N ALA B 225 -10.53 -0.03 -43.01
CA ALA B 225 -10.02 1.09 -43.81
C ALA B 225 -10.87 2.33 -43.56
N PHE B 226 -10.20 3.44 -43.23
CA PHE B 226 -10.90 4.69 -42.96
C PHE B 226 -11.60 5.18 -44.22
N ALA B 227 -12.83 5.66 -44.05
CA ALA B 227 -13.61 6.19 -45.18
C ALA B 227 -12.91 7.36 -45.84
N SER B 228 -11.93 7.93 -45.14
CA SER B 228 -11.15 9.05 -45.63
C SER B 228 -9.89 9.09 -44.79
N PRO B 229 -8.73 9.32 -45.41
CA PRO B 229 -7.45 9.37 -44.70
C PRO B 229 -7.35 10.53 -43.71
N ILE B 230 -6.70 10.26 -42.59
CA ILE B 230 -6.51 11.27 -41.55
C ILE B 230 -5.04 11.68 -41.56
N GLN B 231 -4.78 12.98 -41.41
CA GLN B 231 -3.42 13.47 -41.42
C GLN B 231 -2.90 13.71 -40.01
N LEU B 232 -1.66 13.28 -39.76
CA LEU B 232 -1.02 13.44 -38.47
C LEU B 232 0.30 14.17 -38.66
N GLN B 233 0.90 14.61 -37.56
CA GLN B 233 2.17 15.32 -37.62
C GLN B 233 3.31 14.55 -36.95
N ARG B 234 4.50 14.69 -37.50
CA ARG B 234 5.69 14.05 -36.97
C ARG B 234 6.28 14.98 -35.91
N ARG B 235 7.38 14.56 -35.30
CA ARG B 235 8.03 15.36 -34.26
C ARG B 235 8.46 16.74 -34.75
N ASN B 236 8.78 16.83 -36.03
CA ASN B 236 9.22 18.08 -36.64
C ASN B 236 8.06 18.92 -37.18
N GLY B 237 6.84 18.37 -37.08
CA GLY B 237 5.68 19.09 -37.55
C GLY B 237 5.22 18.74 -38.95
N SER B 238 5.99 17.91 -39.66
CA SER B 238 5.61 17.52 -41.01
C SER B 238 4.37 16.61 -40.98
N LYS B 239 3.48 16.79 -41.94
CA LYS B 239 2.25 16.02 -42.02
C LYS B 239 2.39 14.73 -42.84
N PHE B 240 1.57 13.75 -42.51
CA PHE B 240 1.55 12.47 -43.21
C PHE B 240 0.15 11.87 -43.04
N SER B 241 -0.30 11.11 -44.02
CA SER B 241 -1.63 10.53 -43.97
C SER B 241 -1.68 9.08 -43.47
N VAL B 242 -2.79 8.73 -42.83
CA VAL B 242 -3.01 7.39 -42.29
C VAL B 242 -4.30 6.90 -42.97
N TYR B 243 -4.30 5.65 -43.42
CA TYR B 243 -5.46 5.10 -44.10
C TYR B 243 -6.09 3.90 -43.40
N ASP B 244 -5.27 3.08 -42.76
CA ASP B 244 -5.76 1.89 -42.08
C ASP B 244 -5.48 1.90 -40.58
N VAL B 245 -6.39 1.29 -39.82
CA VAL B 245 -6.26 1.21 -38.37
C VAL B 245 -4.97 0.52 -37.90
N SER B 246 -4.40 -0.31 -38.77
CA SER B 246 -3.18 -1.05 -38.47
C SER B 246 -2.08 -0.20 -37.84
N ILE B 247 -1.86 0.98 -38.42
CA ILE B 247 -0.82 1.89 -37.94
C ILE B 247 -1.13 2.44 -36.55
N LEU B 248 -2.42 2.58 -36.23
CA LEU B 248 -2.84 3.12 -34.95
C LEU B 248 -2.89 2.14 -33.79
N ILE B 249 -2.85 0.84 -34.07
CA ILE B 249 -2.91 -0.18 -33.03
C ILE B 249 -1.90 0.04 -31.88
N PRO B 250 -0.61 0.25 -32.21
CA PRO B 250 0.36 0.46 -31.12
C PRO B 250 0.45 1.91 -30.65
N ILE B 251 -0.39 2.79 -31.20
CA ILE B 251 -0.37 4.21 -30.84
C ILE B 251 -1.45 4.58 -29.81
N ILE B 252 -2.70 4.33 -30.15
CA ILE B 252 -3.83 4.65 -29.28
C ILE B 252 -4.07 3.52 -28.29
N ALA B 253 -4.76 3.83 -27.19
CA ALA B 253 -5.07 2.83 -26.17
C ALA B 253 -6.56 2.81 -25.89
N LEU B 254 -7.11 3.94 -25.48
CA LEU B 254 -8.53 4.05 -25.19
C LEU B 254 -9.23 4.83 -26.29
N MET B 255 -10.50 4.51 -26.53
CA MET B 255 -11.27 5.16 -27.58
C MET B 255 -12.69 5.46 -27.09
N VAL B 256 -13.15 6.67 -27.36
CA VAL B 256 -14.48 7.11 -26.96
C VAL B 256 -15.56 6.42 -27.80
N TYR B 257 -16.72 6.21 -27.19
CA TYR B 257 -17.85 5.56 -27.85
C TYR B 257 -18.47 6.47 -28.90
N ARG B 258 -18.64 5.95 -30.11
CA ARG B 258 -19.23 6.71 -31.22
C ARG B 258 -20.33 5.89 -31.87
N CYS B 259 -20.01 4.65 -32.24
CA CYS B 259 -20.96 3.75 -32.88
C CYS B 259 -21.17 2.50 -32.04
N ALA B 260 -22.26 1.80 -32.30
CA ALA B 260 -22.58 0.57 -31.58
C ALA B 260 -21.81 -0.59 -32.18
N PRO B 261 -21.40 -1.56 -31.35
CA PRO B 261 -20.64 -2.74 -31.80
C PRO B 261 -21.34 -3.50 -32.92
N PRO B 262 -20.56 -4.01 -33.89
CA PRO B 262 -21.06 -4.77 -35.04
C PRO B 262 -21.80 -6.04 -34.60
N PRO B 263 -22.50 -6.70 -35.54
CA PRO B 263 -23.27 -7.92 -35.29
C PRO B 263 -22.52 -9.01 -34.49
N SER B 264 -22.81 -9.07 -33.20
CA SER B 264 -22.20 -10.05 -32.29
C SER B 264 -20.68 -9.94 -32.21
N SER B 265 -19.99 -11.08 -32.17
CA SER B 265 -18.53 -11.12 -32.07
C SER B 265 -18.05 -10.37 -30.83
N GLN B 266 -18.78 -10.54 -29.73
CA GLN B 266 -18.45 -9.86 -28.48
C GLN B 266 -17.51 -10.70 -27.62
N PHE B 267 -16.33 -11.00 -28.17
CA PHE B 267 -15.33 -11.79 -27.46
C PHE B 267 -13.94 -11.55 -28.04
C5 DDP C . 1.30 -15.86 14.72
N7 DDP C . 1.73 -14.94 13.75
C4 DDP C . 0.67 -15.48 15.91
N3 DDP C . 0.29 -16.44 16.80
C2 DDP C . 0.50 -17.75 16.56
N2 DDP C . 0.10 -18.70 17.51
N1 DDP C . 1.11 -18.12 15.41
C6 DDP C . 1.52 -17.22 14.48
O6 DDP C . 2.04 -17.66 13.49
O9 DDP C . 0.43 -14.14 16.20
#